data_4O84
#
_entry.id   4O84
#
_cell.length_a   94.810
_cell.length_b   94.810
_cell.length_c   148.051
_cell.angle_alpha   90.000
_cell.angle_beta   90.000
_cell.angle_gamma   120.000
#
_symmetry.space_group_name_H-M   'H 3'
#
loop_
_entity.id
_entity.type
_entity.pdbx_description
1 polymer 'Phosphoribosylaminoimidazole-succinocarboxamide synthase'
2 non-polymer 'CADMIUM ION'
3 non-polymer "GUANOSINE-5'-MONOPHOSPHATE"
4 non-polymer 'PHOSPHATE ION'
5 non-polymer 1,4-BUTANEDIOL
6 water water
#
_entity_poly.entity_id   1
_entity_poly.type   'polypeptide(L)'
_entity_poly.pdbx_seq_one_letter_code
;(MSE)VKL(MSE)EVYEGKAKK(MSE)IPIDDDKLI(MSE)EFKDDATAFDGTKKARFKGKGWLNAQLSVIFFKLLEEHG
IKTHFIGVAGGNRLIVEKLD(MSE)YPLEVVVRNVVAGSLKKRLPLPEGYELPEPIVELYYKNDELHDP(MSE)INYYHA
KVLGISLDEIKKIEEIALKVNEILKDYLAKKGIILVDFKLEFGKDKNGDIVLADEISPDTCRFWDAKTKRSLDKDVFRFD
KGDLIEAYKEIYERITGEKPEF
;
_entity_poly.pdbx_strand_id   A,B
#
loop_
_chem_comp.id
_chem_comp.type
_chem_comp.name
_chem_comp.formula
5GP non-polymer GUANOSINE-5'-MONOPHOSPHATE 'C10 H14 N5 O8 P'
BU1 non-polymer 1,4-BUTANEDIOL 'C4 H10 O2'
CD non-polymer 'CADMIUM ION' 'Cd 2'
PO4 non-polymer 'PHOSPHATE ION' 'O4 P -3'
#
# COMPACT_ATOMS: atom_id res chain seq x y z
N ALA A 12 -27.33 0.12 -15.97
CA ALA A 12 -27.12 0.37 -14.50
C ALA A 12 -26.69 1.82 -14.26
N LYS A 13 -26.30 2.49 -15.34
CA LYS A 13 -25.94 3.91 -15.34
C LYS A 13 -26.48 4.60 -16.59
N LYS A 14 -27.04 5.80 -16.41
CA LYS A 14 -27.47 6.61 -17.55
C LYS A 14 -26.69 7.92 -17.57
N MSE A 15 -26.14 8.27 -18.73
CA MSE A 15 -25.40 9.53 -18.90
C MSE A 15 -26.32 10.54 -19.49
O MSE A 15 -26.86 10.35 -20.57
CB MSE A 15 -24.18 9.37 -19.80
CG MSE A 15 -23.22 8.24 -19.37
SE MSE A 15 -22.43 8.70 -17.62
CE MSE A 15 -20.65 9.33 -18.23
N ILE A 16 -26.50 11.65 -18.76
CA ILE A 16 -27.35 12.74 -19.22
C ILE A 16 -26.50 14.00 -19.47
N PRO A 17 -26.40 14.42 -20.75
CA PRO A 17 -25.60 15.60 -21.04
C PRO A 17 -26.19 16.87 -20.40
N ILE A 18 -25.32 17.72 -19.88
CA ILE A 18 -25.73 19.07 -19.51
C ILE A 18 -25.22 20.02 -20.60
N ASP A 19 -23.90 20.11 -20.74
CA ASP A 19 -23.29 20.90 -21.80
C ASP A 19 -21.93 20.31 -22.23
N ASP A 20 -21.18 21.11 -22.97
CA ASP A 20 -19.83 20.79 -23.47
C ASP A 20 -18.79 20.36 -22.43
N ASP A 21 -18.91 20.79 -21.17
CA ASP A 21 -17.91 20.43 -20.16
C ASP A 21 -18.40 19.52 -19.00
N LYS A 22 -19.70 19.24 -18.94
CA LYS A 22 -20.22 18.43 -17.82
C LYS A 22 -21.51 17.67 -18.13
N LEU A 23 -21.81 16.68 -17.29
CA LEU A 23 -22.99 15.84 -17.47
C LEU A 23 -23.39 15.15 -16.17
N ILE A 24 -24.55 14.53 -16.18
CA ILE A 24 -25.04 13.78 -15.04
C ILE A 24 -24.89 12.29 -15.28
N MSE A 25 -24.29 11.60 -14.31
CA MSE A 25 -24.18 10.15 -14.35
C MSE A 25 -25.20 9.67 -13.37
O MSE A 25 -25.06 9.87 -12.15
CB MSE A 25 -22.74 9.79 -13.95
CG MSE A 25 -22.57 8.28 -13.88
SE MSE A 25 -20.65 7.84 -13.90
CE MSE A 25 -20.14 8.58 -12.15
N GLU A 26 -26.24 9.01 -13.88
CA GLU A 26 -27.32 8.53 -13.02
C GLU A 26 -27.25 7.02 -12.80
N PHE A 27 -27.21 6.62 -11.53
CA PHE A 27 -27.11 5.21 -11.15
C PHE A 27 -28.48 4.57 -10.98
N LYS A 28 -28.70 3.45 -11.66
CA LYS A 28 -29.99 2.76 -11.66
C LYS A 28 -29.99 1.54 -10.75
N ASP A 29 -31.18 1.10 -10.34
CA ASP A 29 -31.32 -0.11 -9.53
C ASP A 29 -31.24 -1.39 -10.37
N ASP A 30 -31.30 -1.24 -11.70
CA ASP A 30 -31.21 -2.38 -12.60
C ASP A 30 -29.80 -2.98 -12.61
N ALA A 31 -29.73 -4.30 -12.59
CA ALA A 31 -28.48 -5.04 -12.69
C ALA A 31 -28.55 -5.98 -13.89
N THR A 32 -27.43 -6.11 -14.58
CA THR A 32 -27.35 -6.88 -15.80
C THR A 32 -26.07 -7.70 -15.82
N ALA A 33 -26.17 -8.98 -16.20
CA ALA A 33 -25.00 -9.82 -16.46
C ALA A 33 -25.21 -10.71 -17.70
N PHE A 34 -24.10 -11.26 -18.19
CA PHE A 34 -24.08 -12.13 -19.37
C PHE A 34 -24.82 -11.51 -20.55
N ASP A 35 -24.36 -10.31 -20.95
CA ASP A 35 -24.92 -9.59 -22.10
C ASP A 35 -26.42 -9.31 -22.03
N GLY A 36 -26.92 -9.04 -20.83
CA GLY A 36 -28.34 -8.73 -20.66
C GLY A 36 -29.25 -9.93 -20.65
N THR A 37 -28.69 -11.13 -20.79
CA THR A 37 -29.51 -12.35 -20.71
C THR A 37 -29.98 -12.61 -19.28
N LYS A 38 -29.24 -12.05 -18.31
CA LYS A 38 -29.59 -12.13 -16.90
C LYS A 38 -29.85 -10.73 -16.33
N LYS A 39 -31.08 -10.49 -15.88
CA LYS A 39 -31.46 -9.18 -15.38
C LYS A 39 -32.28 -9.25 -14.10
N ALA A 40 -32.15 -8.20 -13.29
CA ALA A 40 -32.83 -8.09 -12.00
C ALA A 40 -32.78 -6.64 -11.57
N ARG A 41 -33.66 -6.27 -10.65
CA ARG A 41 -33.66 -4.93 -10.08
C ARG A 41 -33.45 -5.05 -8.57
N PHE A 42 -32.49 -4.29 -8.06
CA PHE A 42 -32.20 -4.31 -6.62
C PHE A 42 -32.45 -2.93 -6.00
N LYS A 43 -33.55 -2.82 -5.28
CA LYS A 43 -33.95 -1.55 -4.67
C LYS A 43 -32.82 -1.04 -3.80
N GLY A 44 -32.28 0.12 -4.16
CA GLY A 44 -31.22 0.75 -3.38
C GLY A 44 -29.83 0.59 -3.97
N LYS A 45 -29.68 -0.29 -4.95
CA LYS A 45 -28.40 -0.51 -5.62
C LYS A 45 -27.83 0.79 -6.19
N GLY A 46 -28.66 1.54 -6.90
CA GLY A 46 -28.25 2.82 -7.50
C GLY A 46 -27.67 3.75 -6.45
N TRP A 47 -28.41 3.92 -5.36
CA TRP A 47 -27.98 4.81 -4.29
C TRP A 47 -26.63 4.37 -3.76
N LEU A 48 -26.49 3.07 -3.49
CA LEU A 48 -25.26 2.52 -2.90
C LEU A 48 -24.06 2.68 -3.83
N ASN A 49 -24.25 2.43 -5.12
CA ASN A 49 -23.17 2.55 -6.09
C ASN A 49 -22.73 4.02 -6.31
N ALA A 50 -23.70 4.91 -6.39
CA ALA A 50 -23.45 6.34 -6.49
C ALA A 50 -22.65 6.83 -5.29
N GLN A 51 -23.12 6.47 -4.11
CA GLN A 51 -22.51 6.90 -2.85
C GLN A 51 -21.11 6.32 -2.71
N LEU A 52 -20.94 5.03 -3.04
CA LEU A 52 -19.64 4.42 -2.97
C LEU A 52 -18.68 5.08 -3.95
N SER A 53 -19.18 5.40 -5.14
CA SER A 53 -18.38 6.10 -6.15
C SER A 53 -17.87 7.44 -5.62
N VAL A 54 -18.78 8.20 -5.00
CA VAL A 54 -18.41 9.49 -4.38
C VAL A 54 -17.25 9.28 -3.41
N ILE A 55 -17.46 8.39 -2.43
CA ILE A 55 -16.44 8.11 -1.42
C ILE A 55 -15.07 7.80 -2.07
N PHE A 56 -15.07 6.87 -3.01
CA PHE A 56 -13.83 6.45 -3.68
C PHE A 56 -13.18 7.57 -4.50
N PHE A 57 -13.96 8.29 -5.31
CA PHE A 57 -13.41 9.40 -6.11
C PHE A 57 -12.80 10.48 -5.20
N LYS A 58 -13.51 10.83 -4.15
CA LYS A 58 -13.00 11.82 -3.19
C LYS A 58 -11.74 11.35 -2.47
N LEU A 59 -11.71 10.08 -2.06
CA LEU A 59 -10.50 9.52 -1.47
C LEU A 59 -9.29 9.64 -2.43
N LEU A 60 -9.52 9.27 -3.69
CA LEU A 60 -8.48 9.32 -4.72
C LEU A 60 -7.99 10.73 -5.02
N GLU A 61 -8.93 11.66 -5.16
CA GLU A 61 -8.61 13.08 -5.36
C GLU A 61 -7.77 13.67 -4.23
N GLU A 62 -8.03 13.25 -2.98
CA GLU A 62 -7.20 13.64 -1.85
C GLU A 62 -5.74 13.31 -2.07
N HIS A 63 -5.48 12.23 -2.83
CA HIS A 63 -4.12 11.80 -3.16
C HIS A 63 -3.61 12.39 -4.45
N GLY A 64 -4.39 13.32 -5.01
CA GLY A 64 -3.97 14.01 -6.21
C GLY A 64 -4.25 13.26 -7.50
N ILE A 65 -5.10 12.24 -7.43
CA ILE A 65 -5.59 11.58 -8.65
C ILE A 65 -6.69 12.44 -9.29
N LYS A 66 -6.55 12.76 -10.56
CA LYS A 66 -7.59 13.49 -11.28
C LYS A 66 -8.76 12.57 -11.68
N THR A 67 -9.97 12.91 -11.25
CA THR A 67 -11.15 12.12 -11.57
C THR A 67 -12.23 13.01 -12.16
N HIS A 68 -13.23 12.42 -12.80
CA HIS A 68 -14.26 13.20 -13.46
C HIS A 68 -15.30 13.73 -12.49
N PHE A 69 -15.20 13.30 -11.23
CA PHE A 69 -16.16 13.70 -10.22
C PHE A 69 -16.19 15.22 -10.00
N ILE A 70 -17.38 15.81 -10.08
CA ILE A 70 -17.54 17.24 -9.80
C ILE A 70 -18.32 17.45 -8.49
N GLY A 71 -19.56 16.96 -8.45
CA GLY A 71 -20.38 17.00 -7.24
C GLY A 71 -21.51 15.99 -7.29
N VAL A 72 -22.30 15.97 -6.22
CA VAL A 72 -23.50 15.14 -6.13
C VAL A 72 -24.71 15.97 -6.53
N ALA A 73 -25.67 15.35 -7.21
CA ALA A 73 -26.91 16.03 -7.59
C ALA A 73 -28.11 15.15 -7.25
N GLY A 74 -28.13 14.66 -6.01
CA GLY A 74 -29.14 13.71 -5.57
C GLY A 74 -28.49 12.41 -5.16
N GLY A 75 -29.25 11.55 -4.51
CA GLY A 75 -28.76 10.27 -3.99
C GLY A 75 -28.07 9.37 -5.00
N ASN A 76 -28.64 9.24 -6.20
CA ASN A 76 -28.09 8.35 -7.23
C ASN A 76 -27.53 9.11 -8.46
N ARG A 77 -27.19 10.37 -8.26
CA ARG A 77 -26.82 11.23 -9.38
C ARG A 77 -25.53 12.00 -9.13
N LEU A 78 -24.55 11.81 -10.00
CA LEU A 78 -23.28 12.51 -9.90
C LEU A 78 -23.12 13.47 -11.08
N ILE A 79 -22.53 14.61 -10.80
CA ILE A 79 -22.17 15.55 -11.85
C ILE A 79 -20.71 15.28 -12.12
N VAL A 80 -20.39 15.08 -13.39
CA VAL A 80 -19.05 14.68 -13.81
C VAL A 80 -18.64 15.49 -15.02
N GLU A 81 -17.34 15.73 -15.14
CA GLU A 81 -16.82 16.53 -16.24
C GLU A 81 -16.84 15.71 -17.51
N LYS A 82 -17.14 16.39 -18.62
CA LYS A 82 -17.23 15.72 -19.92
C LYS A 82 -15.82 15.45 -20.41
N LEU A 83 -15.61 14.24 -20.91
CA LEU A 83 -14.30 13.81 -21.35
C LEU A 83 -14.30 13.25 -22.77
N ASP A 84 -13.13 13.27 -23.38
CA ASP A 84 -12.84 12.53 -24.58
C ASP A 84 -12.37 11.15 -24.11
N MSE A 85 -13.29 10.19 -24.13
CA MSE A 85 -13.11 8.90 -23.45
C MSE A 85 -12.22 7.97 -24.24
O MSE A 85 -12.36 7.84 -25.47
CB MSE A 85 -14.48 8.21 -23.27
CG MSE A 85 -15.43 8.89 -22.30
SE MSE A 85 -14.76 8.78 -20.44
CE MSE A 85 -14.66 6.82 -20.33
N TYR A 86 -11.28 7.32 -23.55
CA TYR A 86 -10.52 6.23 -24.16
C TYR A 86 -11.42 5.00 -24.30
N PRO A 87 -11.35 4.31 -25.46
CA PRO A 87 -12.14 3.07 -25.67
C PRO A 87 -11.58 1.85 -24.91
N LEU A 88 -11.27 2.05 -23.64
CA LEU A 88 -10.61 1.03 -22.81
C LEU A 88 -11.38 0.65 -21.57
N GLU A 89 -11.23 -0.60 -21.20
CA GLU A 89 -11.41 -1.04 -19.81
C GLU A 89 -10.04 -1.42 -19.30
N VAL A 90 -9.62 -0.80 -18.21
CA VAL A 90 -8.33 -1.05 -17.62
C VAL A 90 -8.57 -1.80 -16.31
N VAL A 91 -8.08 -3.03 -16.26
CA VAL A 91 -8.31 -3.91 -15.13
C VAL A 91 -7.03 -4.12 -14.35
N VAL A 92 -7.12 -3.90 -13.02
CA VAL A 92 -6.02 -4.16 -12.11
C VAL A 92 -6.38 -5.34 -11.21
N ARG A 93 -5.44 -6.29 -11.10
CA ARG A 93 -5.70 -7.52 -10.38
C ARG A 93 -4.64 -7.71 -9.28
N ASN A 94 -5.11 -7.98 -8.06
CA ASN A 94 -4.22 -8.29 -6.93
C ASN A 94 -4.25 -9.77 -6.52
N VAL A 95 -5.41 -10.38 -6.75
CA VAL A 95 -5.69 -11.75 -6.35
C VAL A 95 -6.33 -12.41 -7.57
N VAL A 96 -5.92 -13.64 -7.85
CA VAL A 96 -6.44 -14.44 -8.97
C VAL A 96 -7.93 -14.76 -8.82
N ALA A 97 -8.73 -14.28 -9.76
CA ALA A 97 -10.15 -14.56 -9.82
C ALA A 97 -10.64 -14.38 -11.25
N GLY A 98 -11.87 -14.85 -11.51
CA GLY A 98 -12.53 -14.70 -12.80
C GLY A 98 -11.65 -15.13 -13.96
N SER A 99 -11.61 -14.27 -14.98
CA SER A 99 -10.96 -14.60 -16.24
C SER A 99 -9.46 -14.85 -16.16
N LEU A 100 -8.80 -14.32 -15.12
CA LEU A 100 -7.36 -14.57 -14.92
C LEU A 100 -7.04 -16.05 -14.77
N LYS A 101 -8.00 -16.82 -14.26
CA LYS A 101 -7.85 -18.28 -14.16
C LYS A 101 -7.71 -18.94 -15.52
N LYS A 102 -8.14 -18.24 -16.57
CA LYS A 102 -8.01 -18.72 -17.95
C LYS A 102 -6.67 -18.34 -18.58
N ARG A 103 -5.86 -17.56 -17.88
CA ARG A 103 -4.59 -17.08 -18.45
C ARG A 103 -3.34 -17.53 -17.71
N LEU A 104 -3.48 -17.81 -16.42
CA LEU A 104 -2.36 -18.22 -15.58
C LEU A 104 -2.74 -19.51 -14.89
N PRO A 105 -1.77 -20.43 -14.71
CA PRO A 105 -2.06 -21.69 -14.04
C PRO A 105 -2.03 -21.49 -12.52
N LEU A 106 -2.97 -20.70 -12.02
CA LEU A 106 -2.99 -20.38 -10.60
C LEU A 106 -4.40 -20.52 -10.07
N PRO A 107 -4.55 -20.93 -8.79
CA PRO A 107 -5.90 -21.15 -8.26
C PRO A 107 -6.61 -19.85 -7.86
N GLU A 108 -7.94 -19.89 -7.81
CA GLU A 108 -8.72 -18.79 -7.31
C GLU A 108 -8.22 -18.48 -5.91
N GLY A 109 -8.09 -17.19 -5.58
CA GLY A 109 -7.60 -16.80 -4.27
C GLY A 109 -6.10 -16.59 -4.19
N TYR A 110 -5.35 -17.02 -5.21
CA TYR A 110 -3.90 -16.89 -5.17
C TYR A 110 -3.48 -15.41 -5.13
N GLU A 111 -2.63 -15.06 -4.18
CA GLU A 111 -2.18 -13.69 -4.04
C GLU A 111 -0.99 -13.40 -4.95
N LEU A 112 -1.17 -12.45 -5.87
CA LEU A 112 -0.15 -12.14 -6.88
C LEU A 112 1.03 -11.39 -6.25
N PRO A 113 2.26 -11.67 -6.72
CA PRO A 113 3.42 -11.00 -6.12
C PRO A 113 3.40 -9.50 -6.41
N GLU A 114 2.88 -9.13 -7.57
CA GLU A 114 2.72 -7.74 -7.96
C GLU A 114 1.37 -7.61 -8.64
N PRO A 115 0.77 -6.40 -8.64
CA PRO A 115 -0.50 -6.22 -9.36
C PRO A 115 -0.35 -6.34 -10.86
N ILE A 116 -1.36 -6.91 -11.51
CA ILE A 116 -1.34 -7.11 -12.94
C ILE A 116 -2.30 -6.08 -13.55
N VAL A 117 -1.87 -5.40 -14.60
CA VAL A 117 -2.75 -4.52 -15.36
C VAL A 117 -3.08 -5.19 -16.70
N GLU A 118 -4.37 -5.33 -16.98
CA GLU A 118 -4.83 -5.78 -18.30
C GLU A 118 -5.61 -4.68 -19.02
N LEU A 119 -5.47 -4.63 -20.33
CA LEU A 119 -6.16 -3.64 -21.17
C LEU A 119 -7.19 -4.34 -22.01
N TYR A 120 -8.41 -3.80 -22.01
CA TYR A 120 -9.46 -4.35 -22.84
C TYR A 120 -9.98 -3.30 -23.79
N TYR A 121 -10.29 -3.72 -25.01
CA TYR A 121 -10.88 -2.81 -25.98
C TYR A 121 -12.38 -2.79 -25.67
N LYS A 122 -12.88 -1.61 -25.29
CA LYS A 122 -14.27 -1.47 -24.88
C LYS A 122 -15.13 -1.49 -26.14
N ASN A 123 -15.84 -2.59 -26.35
CA ASN A 123 -16.55 -2.88 -27.61
C ASN A 123 -17.47 -4.08 -27.40
N ASP A 124 -18.77 -3.84 -27.30
CA ASP A 124 -19.76 -4.87 -26.99
C ASP A 124 -19.82 -5.96 -28.06
N GLU A 125 -19.69 -5.55 -29.30
CA GLU A 125 -19.82 -6.45 -30.43
C GLU A 125 -18.70 -7.50 -30.44
N LEU A 126 -17.51 -7.09 -30.01
CA LEU A 126 -16.39 -8.00 -29.89
C LEU A 126 -16.25 -8.57 -28.48
N HIS A 127 -17.23 -8.25 -27.62
CA HIS A 127 -17.27 -8.72 -26.21
C HIS A 127 -16.02 -8.34 -25.44
N ASP A 128 -15.66 -7.05 -25.48
CA ASP A 128 -14.53 -6.49 -24.69
C ASP A 128 -13.24 -7.31 -24.71
N PRO A 129 -12.63 -7.50 -25.89
CA PRO A 129 -11.45 -8.38 -25.97
C PRO A 129 -10.19 -7.76 -25.36
N MSE A 130 -9.30 -8.62 -24.84
CA MSE A 130 -8.05 -8.13 -24.30
C MSE A 130 -7.17 -7.65 -25.43
O MSE A 130 -7.15 -8.23 -26.50
CB MSE A 130 -7.29 -9.21 -23.53
CG MSE A 130 -6.44 -8.50 -22.47
SE MSE A 130 -5.50 -9.74 -21.26
CE MSE A 130 -4.18 -10.30 -22.61
N ILE A 131 -6.46 -6.55 -25.20
CA ILE A 131 -5.49 -6.04 -26.17
C ILE A 131 -4.16 -5.81 -25.48
N ASN A 132 -3.12 -5.54 -26.27
CA ASN A 132 -1.84 -5.13 -25.70
C ASN A 132 -1.46 -3.71 -26.21
N TYR A 133 -0.23 -3.27 -25.96
CA TYR A 133 0.16 -1.89 -26.35
C TYR A 133 0.14 -1.67 -27.87
N TYR A 134 0.45 -2.71 -28.64
CA TYR A 134 0.38 -2.62 -30.11
C TYR A 134 -1.03 -2.39 -30.62
N HIS A 135 -1.98 -3.23 -30.17
CA HIS A 135 -3.38 -3.04 -30.56
C HIS A 135 -3.85 -1.66 -30.17
N ALA A 136 -3.44 -1.21 -28.97
CA ALA A 136 -3.82 0.10 -28.46
C ALA A 136 -3.39 1.27 -29.37
N LYS A 137 -2.19 1.14 -29.96
CA LYS A 137 -1.72 2.13 -30.92
C LYS A 137 -2.65 2.20 -32.13
N VAL A 138 -3.00 1.04 -32.70
CA VAL A 138 -3.96 0.99 -33.83
C VAL A 138 -5.26 1.70 -33.48
N LEU A 139 -5.73 1.50 -32.26
CA LEU A 139 -6.92 2.17 -31.78
C LEU A 139 -6.67 3.66 -31.51
N GLY A 140 -5.44 4.10 -31.75
CA GLY A 140 -5.10 5.52 -31.69
C GLY A 140 -4.64 5.98 -30.33
N ILE A 141 -4.20 5.06 -29.48
CA ILE A 141 -3.71 5.45 -28.15
C ILE A 141 -2.20 5.29 -28.12
N SER A 142 -1.50 6.38 -27.85
CA SER A 142 -0.05 6.41 -27.95
C SER A 142 0.51 5.61 -26.80
N LEU A 143 1.75 5.14 -26.97
CA LEU A 143 2.43 4.38 -25.94
C LEU A 143 2.60 5.23 -24.68
N ASP A 144 2.86 6.53 -24.88
CA ASP A 144 3.00 7.46 -23.77
C ASP A 144 1.72 7.54 -22.92
N GLU A 145 0.58 7.62 -23.59
CA GLU A 145 -0.73 7.64 -22.93
C GLU A 145 -0.99 6.35 -22.12
N ILE A 146 -0.72 5.20 -22.74
CA ILE A 146 -0.89 3.89 -22.10
C ILE A 146 -0.02 3.80 -20.84
N LYS A 147 1.21 4.28 -20.95
CA LYS A 147 2.10 4.32 -19.80
C LYS A 147 1.53 5.16 -18.66
N LYS A 148 1.01 6.34 -18.98
CA LYS A 148 0.36 7.19 -17.98
C LYS A 148 -0.88 6.52 -17.37
N ILE A 149 -1.73 5.96 -18.21
CA ILE A 149 -2.93 5.27 -17.79
C ILE A 149 -2.59 4.12 -16.81
N GLU A 150 -1.62 3.29 -17.18
CA GLU A 150 -1.19 2.21 -16.28
C GLU A 150 -0.58 2.73 -14.97
N GLU A 151 0.22 3.78 -15.04
CA GLU A 151 0.77 4.38 -13.83
C GLU A 151 -0.38 4.84 -12.89
N ILE A 152 -1.35 5.57 -13.45
CA ILE A 152 -2.47 6.05 -12.65
C ILE A 152 -3.20 4.84 -12.07
N ALA A 153 -3.49 3.84 -12.92
CA ALA A 153 -4.27 2.69 -12.47
C ALA A 153 -3.63 2.00 -11.27
N LEU A 154 -2.30 1.90 -11.27
CA LEU A 154 -1.57 1.22 -10.21
C LEU A 154 -1.53 2.03 -8.92
N LYS A 155 -1.51 3.35 -9.08
CA LYS A 155 -1.55 4.28 -7.96
C LYS A 155 -2.93 4.18 -7.31
N VAL A 156 -3.96 4.24 -8.15
CA VAL A 156 -5.34 4.04 -7.71
C VAL A 156 -5.47 2.69 -7.02
N ASN A 157 -4.92 1.64 -7.64
CA ASN A 157 -4.97 0.32 -7.03
C ASN A 157 -4.44 0.34 -5.60
N GLU A 158 -3.28 0.95 -5.40
CA GLU A 158 -2.64 0.91 -4.09
C GLU A 158 -3.51 1.63 -3.04
N ILE A 159 -4.05 2.79 -3.40
CA ILE A 159 -4.86 3.57 -2.46
C ILE A 159 -6.12 2.79 -2.07
N LEU A 160 -6.83 2.26 -3.05
CA LEU A 160 -8.06 1.53 -2.77
C LEU A 160 -7.79 0.25 -1.99
N LYS A 161 -6.76 -0.50 -2.40
CA LYS A 161 -6.39 -1.75 -1.75
C LYS A 161 -6.09 -1.56 -0.26
N ASP A 162 -5.25 -0.55 0.03
CA ASP A 162 -4.83 -0.30 1.40
C ASP A 162 -5.98 0.24 2.26
N TYR A 163 -6.74 1.17 1.71
CA TYR A 163 -7.93 1.68 2.37
C TYR A 163 -8.88 0.53 2.76
N LEU A 164 -9.15 -0.35 1.80
CA LEU A 164 -10.09 -1.44 2.01
C LEU A 164 -9.56 -2.52 2.94
N ALA A 165 -8.25 -2.79 2.85
CA ALA A 165 -7.59 -3.80 3.69
C ALA A 165 -7.74 -3.49 5.17
N LYS A 166 -7.67 -2.20 5.53
CA LYS A 166 -7.83 -1.77 6.92
C LYS A 166 -9.25 -2.05 7.43
N LYS A 167 -10.18 -2.25 6.50
CA LYS A 167 -11.57 -2.54 6.83
C LYS A 167 -11.94 -4.01 6.62
N GLY A 168 -10.92 -4.85 6.53
CA GLY A 168 -11.11 -6.29 6.33
C GLY A 168 -11.71 -6.67 4.99
N ILE A 169 -11.41 -5.88 3.96
CA ILE A 169 -11.88 -6.11 2.59
C ILE A 169 -10.69 -6.24 1.62
N ILE A 170 -10.64 -7.37 0.91
CA ILE A 170 -9.64 -7.60 -0.13
C ILE A 170 -10.11 -6.99 -1.45
N LEU A 171 -9.31 -6.05 -1.96
CA LEU A 171 -9.52 -5.63 -3.33
C LEU A 171 -8.93 -6.70 -4.24
N VAL A 172 -9.78 -7.59 -4.73
CA VAL A 172 -9.36 -8.73 -5.56
C VAL A 172 -8.97 -8.26 -6.97
N ASP A 173 -9.84 -7.50 -7.60
CA ASP A 173 -9.54 -6.88 -8.90
C ASP A 173 -10.62 -5.82 -9.12
N PHE A 174 -10.47 -4.99 -10.16
CA PHE A 174 -11.43 -3.94 -10.48
C PHE A 174 -11.15 -3.37 -11.88
N LYS A 175 -12.17 -2.73 -12.45
CA LYS A 175 -12.09 -2.11 -13.77
C LYS A 175 -12.20 -0.59 -13.66
N LEU A 176 -11.31 0.10 -14.38
CA LEU A 176 -11.32 1.55 -14.47
C LEU A 176 -11.52 1.95 -15.91
N GLU A 177 -12.06 3.15 -16.08
CA GLU A 177 -12.10 3.80 -17.38
C GLU A 177 -11.59 5.24 -17.24
N PHE A 178 -11.12 5.75 -18.36
CA PHE A 178 -10.34 6.97 -18.41
C PHE A 178 -10.76 7.78 -19.62
N GLY A 179 -10.61 9.09 -19.50
CA GLY A 179 -10.76 10.00 -20.61
C GLY A 179 -9.79 11.16 -20.57
N LYS A 180 -9.86 11.96 -21.63
CA LYS A 180 -9.03 13.14 -21.77
C LYS A 180 -9.84 14.41 -21.58
N ASP A 181 -9.36 15.30 -20.72
CA ASP A 181 -10.01 16.60 -20.51
C ASP A 181 -9.51 17.66 -21.53
N LYS A 182 -10.03 18.88 -21.39
CA LYS A 182 -9.68 20.01 -22.27
C LYS A 182 -8.17 20.31 -22.31
N ASN A 183 -7.53 20.24 -21.15
CA ASN A 183 -6.08 20.43 -21.02
C ASN A 183 -5.24 19.34 -21.67
N GLY A 184 -5.86 18.18 -21.95
CA GLY A 184 -5.13 17.02 -22.46
C GLY A 184 -4.66 16.09 -21.36
N ASP A 185 -5.05 16.40 -20.12
CA ASP A 185 -4.76 15.55 -18.97
C ASP A 185 -5.65 14.30 -18.97
N ILE A 186 -5.08 13.18 -18.51
CA ILE A 186 -5.79 11.90 -18.43
C ILE A 186 -6.55 11.84 -17.11
N VAL A 187 -7.86 11.57 -17.18
CA VAL A 187 -8.77 11.71 -16.06
C VAL A 187 -9.55 10.43 -15.82
N LEU A 188 -9.59 9.99 -14.57
CA LEU A 188 -10.34 8.79 -14.19
C LEU A 188 -11.86 9.02 -14.28
N ALA A 189 -12.57 8.08 -14.88
CA ALA A 189 -13.98 8.28 -15.20
C ALA A 189 -14.83 7.09 -14.75
N ASP A 190 -15.97 6.90 -15.42
CA ASP A 190 -16.94 5.83 -15.13
C ASP A 190 -17.29 5.81 -13.63
N GLU A 191 -17.26 4.63 -13.00
CA GLU A 191 -17.67 4.49 -11.59
C GLU A 191 -16.64 3.65 -10.83
N ILE A 192 -16.74 3.65 -9.50
CA ILE A 192 -15.98 2.72 -8.67
C ILE A 192 -16.95 2.18 -7.62
N SER A 193 -17.41 0.96 -7.86
CA SER A 193 -18.43 0.35 -7.01
C SER A 193 -18.33 -1.16 -7.00
N PRO A 194 -19.12 -1.82 -6.11
CA PRO A 194 -19.17 -3.28 -6.12
C PRO A 194 -19.67 -3.85 -7.46
N ASP A 195 -20.21 -2.99 -8.33
CA ASP A 195 -20.51 -3.40 -9.70
C ASP A 195 -19.23 -3.63 -10.53
N THR A 196 -18.20 -2.83 -10.25
CA THR A 196 -16.99 -2.78 -11.09
C THR A 196 -15.68 -3.22 -10.39
N CYS A 197 -15.80 -3.74 -9.18
CA CYS A 197 -14.69 -4.25 -8.37
C CYS A 197 -15.04 -5.64 -7.86
N ARG A 198 -14.03 -6.47 -7.62
CA ARG A 198 -14.24 -7.65 -6.78
C ARG A 198 -13.75 -7.36 -5.38
N PHE A 199 -14.69 -7.44 -4.43
CA PHE A 199 -14.38 -7.27 -3.01
C PHE A 199 -14.64 -8.59 -2.30
N TRP A 200 -13.66 -9.04 -1.53
CA TRP A 200 -13.86 -10.21 -0.66
C TRP A 200 -13.65 -9.84 0.77
N ASP A 201 -14.47 -10.42 1.64
CA ASP A 201 -14.20 -10.33 3.06
C ASP A 201 -12.85 -11.01 3.37
N ALA A 202 -12.01 -10.33 4.14
CA ALA A 202 -10.67 -10.81 4.41
C ALA A 202 -10.64 -12.15 5.15
N LYS A 203 -11.53 -12.32 6.12
CA LYS A 203 -11.61 -13.54 6.93
C LYS A 203 -12.22 -14.71 6.14
N THR A 204 -13.39 -14.50 5.55
CA THR A 204 -14.19 -15.59 5.00
C THR A 204 -13.97 -15.79 3.49
N LYS A 205 -13.39 -14.80 2.82
CA LYS A 205 -13.28 -14.79 1.35
C LYS A 205 -14.61 -14.74 0.60
N ARG A 206 -15.70 -14.37 1.26
CA ARG A 206 -16.97 -14.27 0.54
C ARG A 206 -17.05 -13.00 -0.30
N SER A 207 -17.75 -13.09 -1.43
CA SER A 207 -17.90 -11.95 -2.34
C SER A 207 -18.85 -10.91 -1.78
N LEU A 208 -18.47 -9.64 -1.92
CA LEU A 208 -19.25 -8.51 -1.49
C LEU A 208 -19.40 -7.51 -2.66
N ASP A 209 -19.93 -8.02 -3.77
CA ASP A 209 -19.82 -7.35 -5.06
C ASP A 209 -20.79 -7.99 -6.05
N LYS A 210 -20.69 -7.65 -7.33
CA LYS A 210 -21.64 -8.12 -8.32
C LYS A 210 -21.60 -9.63 -8.59
N ASP A 211 -20.52 -10.32 -8.20
CA ASP A 211 -20.43 -11.79 -8.37
C ASP A 211 -21.54 -12.50 -7.60
N VAL A 212 -22.00 -11.85 -6.54
CA VAL A 212 -23.12 -12.35 -5.76
C VAL A 212 -24.38 -12.49 -6.65
N PHE A 213 -24.57 -11.53 -7.54
CA PHE A 213 -25.64 -11.56 -8.53
C PHE A 213 -25.26 -12.43 -9.73
N ARG A 214 -24.07 -12.24 -10.28
CA ARG A 214 -23.61 -13.02 -11.45
C ARG A 214 -23.77 -14.52 -11.28
N PHE A 215 -23.47 -15.01 -10.08
CA PHE A 215 -23.44 -16.44 -9.81
C PHE A 215 -24.38 -16.88 -8.69
N ASP A 216 -25.37 -16.04 -8.35
CA ASP A 216 -26.35 -16.28 -7.27
C ASP A 216 -25.72 -16.90 -6.01
N LYS A 217 -24.75 -16.20 -5.45
CA LYS A 217 -24.01 -16.69 -4.30
C LYS A 217 -24.64 -16.15 -3.03
N GLY A 218 -25.68 -15.33 -3.17
CA GLY A 218 -26.33 -14.73 -2.03
C GLY A 218 -27.18 -13.50 -2.36
N ASP A 219 -27.30 -12.61 -1.38
CA ASP A 219 -28.16 -11.42 -1.47
C ASP A 219 -27.32 -10.19 -1.83
N LEU A 220 -27.52 -9.68 -3.05
CA LEU A 220 -26.74 -8.56 -3.57
C LEU A 220 -26.86 -7.31 -2.70
N ILE A 221 -28.09 -6.90 -2.39
CA ILE A 221 -28.29 -5.68 -1.63
C ILE A 221 -27.65 -5.78 -0.23
N GLU A 222 -27.65 -6.99 0.32
CA GLU A 222 -27.02 -7.30 1.61
C GLU A 222 -25.50 -7.19 1.55
N ALA A 223 -24.91 -7.71 0.48
CA ALA A 223 -23.46 -7.60 0.23
C ALA A 223 -23.04 -6.15 0.05
N TYR A 224 -23.79 -5.39 -0.75
CA TYR A 224 -23.45 -3.99 -1.04
C TYR A 224 -23.64 -3.06 0.16
N LYS A 225 -24.66 -3.33 0.97
CA LYS A 225 -24.84 -2.61 2.24
C LYS A 225 -23.69 -2.88 3.21
N GLU A 226 -23.25 -4.13 3.26
CA GLU A 226 -22.07 -4.50 4.03
C GLU A 226 -20.84 -3.65 3.70
N ILE A 227 -20.53 -3.50 2.41
CA ILE A 227 -19.40 -2.68 1.98
C ILE A 227 -19.57 -1.25 2.50
N TYR A 228 -20.75 -0.67 2.25
CA TYR A 228 -21.07 0.70 2.66
C TYR A 228 -20.90 0.88 4.17
N GLU A 229 -21.49 -0.03 4.93
CA GLU A 229 -21.44 0.02 6.38
C GLU A 229 -19.99 -0.05 6.88
N ARG A 230 -19.18 -0.93 6.29
CA ARG A 230 -17.80 -1.09 6.72
C ARG A 230 -16.97 0.17 6.45
N ILE A 231 -17.23 0.79 5.30
CA ILE A 231 -16.53 2.03 4.92
C ILE A 231 -16.93 3.27 5.74
N THR A 232 -18.24 3.46 5.92
CA THR A 232 -18.76 4.68 6.56
C THR A 232 -18.98 4.50 8.06
N GLY A 233 -19.27 3.26 8.46
CA GLY A 233 -19.67 2.96 9.83
C GLY A 233 -21.17 3.15 10.03
N GLU A 234 -21.85 3.63 8.99
CA GLU A 234 -23.29 3.87 9.04
C GLU A 234 -24.09 2.84 8.24
N LYS A 235 -25.23 2.43 8.81
CA LYS A 235 -26.20 1.65 8.07
C LYS A 235 -26.83 2.54 6.98
N PRO A 236 -27.04 1.99 5.77
CA PRO A 236 -27.40 2.80 4.59
C PRO A 236 -28.73 3.56 4.71
N GLU A 237 -28.69 4.84 4.34
CA GLU A 237 -29.83 5.76 4.44
C GLU A 237 -30.84 5.60 3.28
N PHE A 238 -30.52 6.20 2.13
CA PHE A 238 -31.36 6.08 0.93
C PHE A 238 -32.28 7.28 0.69
N ALA B 12 22.91 -0.89 22.01
CA ALA B 12 21.65 -1.68 21.94
C ALA B 12 21.81 -2.93 21.06
N LYS B 13 22.86 -2.93 20.25
CA LYS B 13 23.27 -4.09 19.45
C LYS B 13 24.79 -4.25 19.49
N LYS B 14 25.25 -5.48 19.63
CA LYS B 14 26.69 -5.78 19.52
C LYS B 14 26.93 -6.74 18.36
N MSE B 15 27.88 -6.39 17.49
CA MSE B 15 28.24 -7.24 16.35
C MSE B 15 29.42 -8.06 16.75
O MSE B 15 30.46 -7.52 17.14
CB MSE B 15 28.58 -6.44 15.09
CG MSE B 15 27.54 -5.40 14.69
SE MSE B 15 25.83 -6.21 14.12
CE MSE B 15 26.12 -6.28 12.17
N ILE B 16 29.27 -9.39 16.67
CA ILE B 16 30.35 -10.31 17.00
C ILE B 16 30.73 -11.06 15.73
N PRO B 17 31.95 -10.82 15.21
CA PRO B 17 32.42 -11.55 14.03
C PRO B 17 32.56 -13.04 14.29
N ILE B 18 32.16 -13.86 13.32
CA ILE B 18 32.45 -15.29 13.34
C ILE B 18 33.56 -15.54 12.34
N ASP B 19 33.28 -15.27 11.06
CA ASP B 19 34.28 -15.39 9.99
C ASP B 19 34.02 -14.41 8.85
N ASP B 20 34.69 -14.65 7.72
CA ASP B 20 34.63 -13.81 6.53
C ASP B 20 33.24 -13.66 5.91
N ASP B 21 32.31 -14.59 6.17
CA ASP B 21 30.99 -14.51 5.56
C ASP B 21 29.81 -14.38 6.54
N LYS B 22 30.05 -14.47 7.85
CA LYS B 22 28.96 -14.32 8.80
C LYS B 22 29.36 -13.77 10.17
N LEU B 23 28.36 -13.31 10.91
CA LEU B 23 28.57 -12.75 12.24
C LEU B 23 27.30 -12.83 13.10
N ILE B 24 27.47 -12.54 14.39
CA ILE B 24 26.34 -12.53 15.31
C ILE B 24 25.98 -11.10 15.62
N MSE B 25 24.69 -10.80 15.50
CA MSE B 25 24.15 -9.53 15.93
C MSE B 25 23.43 -9.77 17.23
O MSE B 25 22.43 -10.52 17.29
CB MSE B 25 23.23 -9.02 14.81
CG MSE B 25 22.57 -7.69 15.16
SE MSE B 25 21.76 -6.89 13.54
CE MSE B 25 20.32 -8.20 13.23
N GLU B 26 23.94 -9.17 18.30
CA GLU B 26 23.37 -9.38 19.62
C GLU B 26 22.59 -8.16 20.09
N PHE B 27 21.34 -8.39 20.45
CA PHE B 27 20.44 -7.33 20.91
C PHE B 27 20.49 -7.19 22.43
N LYS B 28 20.68 -5.97 22.90
CA LYS B 28 20.85 -5.67 24.32
C LYS B 28 19.61 -5.02 24.89
N ASP B 29 19.48 -5.09 26.21
CA ASP B 29 18.40 -4.39 26.93
C ASP B 29 18.66 -2.89 27.12
N ASP B 30 19.88 -2.45 26.88
CA ASP B 30 20.24 -1.04 27.00
C ASP B 30 19.61 -0.20 25.89
N ALA B 31 19.10 0.97 26.29
CA ALA B 31 18.53 1.92 25.38
C ALA B 31 19.28 3.23 25.51
N THR B 32 19.45 3.92 24.39
CA THR B 32 20.19 5.16 24.33
C THR B 32 19.48 6.19 23.43
N ALA B 33 19.40 7.43 23.89
CA ALA B 33 18.93 8.53 23.05
C ALA B 33 19.76 9.79 23.30
N PHE B 34 19.65 10.74 22.36
CA PHE B 34 20.35 12.01 22.42
C PHE B 34 21.85 11.82 22.69
N ASP B 35 22.50 11.07 21.79
CA ASP B 35 23.95 10.84 21.84
C ASP B 35 24.46 10.24 23.15
N GLY B 36 23.68 9.33 23.71
CA GLY B 36 24.06 8.68 24.96
C GLY B 36 23.91 9.53 26.20
N THR B 37 23.39 10.75 26.06
CA THR B 37 23.14 11.58 27.23
C THR B 37 21.94 11.08 28.04
N LYS B 38 21.08 10.30 27.36
CA LYS B 38 19.90 9.69 27.96
C LYS B 38 19.96 8.17 27.84
N LYS B 39 20.02 7.48 28.97
CA LYS B 39 20.19 6.04 28.97
C LYS B 39 19.31 5.33 29.99
N ALA B 40 18.99 4.08 29.71
CA ALA B 40 18.12 3.25 30.51
C ALA B 40 18.24 1.81 30.05
N ARG B 41 17.85 0.88 30.90
CA ARG B 41 17.83 -0.52 30.55
C ARG B 41 16.41 -1.02 30.69
N PHE B 42 15.93 -1.70 29.65
CA PHE B 42 14.57 -2.24 29.66
C PHE B 42 14.61 -3.75 29.52
N LYS B 43 14.32 -4.44 30.63
CA LYS B 43 14.39 -5.89 30.69
C LYS B 43 13.45 -6.48 29.65
N GLY B 44 14.02 -7.23 28.72
CA GLY B 44 13.24 -7.85 27.66
C GLY B 44 13.24 -7.12 26.33
N LYS B 45 13.83 -5.92 26.31
CA LYS B 45 13.85 -5.11 25.08
C LYS B 45 14.65 -5.82 23.98
N GLY B 46 15.83 -6.34 24.33
CA GLY B 46 16.69 -7.08 23.40
C GLY B 46 15.95 -8.23 22.74
N TRP B 47 15.28 -9.05 23.55
CA TRP B 47 14.57 -10.21 23.05
C TRP B 47 13.50 -9.78 22.07
N LEU B 48 12.74 -8.76 22.45
CA LEU B 48 11.65 -8.26 21.63
C LEU B 48 12.15 -7.69 20.29
N ASN B 49 13.23 -6.90 20.33
CA ASN B 49 13.80 -6.35 19.08
C ASN B 49 14.40 -7.42 18.20
N ALA B 50 15.12 -8.36 18.81
CA ALA B 50 15.68 -9.50 18.09
C ALA B 50 14.56 -10.29 17.40
N GLN B 51 13.52 -10.63 18.16
CA GLN B 51 12.38 -11.40 17.64
C GLN B 51 11.56 -10.66 16.57
N LEU B 52 11.33 -9.37 16.78
CA LEU B 52 10.61 -8.57 15.80
C LEU B 52 11.41 -8.47 14.50
N SER B 53 12.73 -8.31 14.64
CA SER B 53 13.65 -8.37 13.48
C SER B 53 13.52 -9.67 12.67
N VAL B 54 13.61 -10.82 13.37
CA VAL B 54 13.39 -12.10 12.72
C VAL B 54 12.09 -12.08 11.90
N ILE B 55 10.97 -11.79 12.57
CA ILE B 55 9.67 -11.74 11.90
C ILE B 55 9.69 -10.87 10.63
N PHE B 56 10.22 -9.65 10.76
CA PHE B 56 10.22 -8.72 9.63
C PHE B 56 11.13 -9.17 8.50
N PHE B 57 12.37 -9.58 8.83
CA PHE B 57 13.28 -10.11 7.80
C PHE B 57 12.70 -11.30 7.04
N LYS B 58 12.11 -12.24 7.76
CA LYS B 58 11.48 -13.41 7.11
C LYS B 58 10.30 -13.01 6.25
N LEU B 59 9.46 -12.10 6.74
CA LEU B 59 8.35 -11.58 5.94
C LEU B 59 8.87 -10.99 4.62
N LEU B 60 9.94 -10.21 4.72
CA LEU B 60 10.54 -9.53 3.56
C LEU B 60 11.15 -10.53 2.58
N GLU B 61 11.84 -11.52 3.12
CA GLU B 61 12.42 -12.59 2.31
C GLU B 61 11.37 -13.39 1.55
N GLU B 62 10.19 -13.56 2.15
CA GLU B 62 9.08 -14.26 1.48
C GLU B 62 8.67 -13.55 0.18
N HIS B 63 8.94 -12.24 0.12
CA HIS B 63 8.64 -11.42 -1.04
C HIS B 63 9.84 -11.24 -1.92
N GLY B 64 10.88 -12.02 -1.65
CA GLY B 64 12.07 -11.97 -2.48
C GLY B 64 12.98 -10.78 -2.22
N ILE B 65 12.80 -10.10 -1.08
CA ILE B 65 13.81 -9.12 -0.62
C ILE B 65 15.02 -9.86 -0.04
N LYS B 66 16.23 -9.55 -0.55
CA LYS B 66 17.46 -10.07 0.06
C LYS B 66 17.81 -9.36 1.38
N THR B 67 17.95 -10.13 2.45
CA THR B 67 18.33 -9.57 3.76
C THR B 67 19.56 -10.31 4.32
N HIS B 68 20.20 -9.73 5.33
CA HIS B 68 21.38 -10.34 5.89
C HIS B 68 21.03 -11.43 6.89
N PHE B 69 19.74 -11.64 7.15
CA PHE B 69 19.31 -12.61 8.15
C PHE B 69 19.57 -14.06 7.73
N ILE B 70 20.31 -14.79 8.56
CA ILE B 70 20.64 -16.20 8.28
C ILE B 70 19.85 -17.15 9.19
N GLY B 71 19.94 -16.93 10.50
CA GLY B 71 19.23 -17.74 11.45
C GLY B 71 19.29 -17.13 12.84
N VAL B 72 18.57 -17.75 13.76
CA VAL B 72 18.55 -17.36 15.15
C VAL B 72 19.60 -18.18 15.90
N ALA B 73 20.32 -17.55 16.82
CA ALA B 73 21.27 -18.23 17.71
C ALA B 73 20.98 -17.91 19.18
N GLY B 74 19.71 -18.01 19.57
CA GLY B 74 19.29 -17.64 20.91
C GLY B 74 18.28 -16.50 20.83
N GLY B 75 17.62 -16.23 21.95
CA GLY B 75 16.56 -15.24 22.03
C GLY B 75 16.90 -13.84 21.51
N ASN B 76 18.09 -13.36 21.86
CA ASN B 76 18.52 -12.02 21.50
C ASN B 76 19.71 -12.00 20.53
N ARG B 77 19.90 -13.10 19.81
CA ARG B 77 21.06 -13.25 18.94
C ARG B 77 20.68 -13.77 17.55
N LEU B 78 21.09 -13.00 16.53
CA LEU B 78 20.85 -13.40 15.16
C LEU B 78 22.17 -13.63 14.44
N ILE B 79 22.19 -14.66 13.61
CA ILE B 79 23.31 -14.88 12.72
C ILE B 79 22.97 -14.16 11.42
N VAL B 80 23.89 -13.32 10.99
CA VAL B 80 23.68 -12.50 9.79
C VAL B 80 24.91 -12.59 8.90
N GLU B 81 24.71 -12.37 7.60
CA GLU B 81 25.80 -12.51 6.65
C GLU B 81 26.64 -11.26 6.63
N LYS B 82 27.96 -11.45 6.47
CA LYS B 82 28.89 -10.34 6.53
C LYS B 82 28.76 -9.57 5.23
N LEU B 83 28.72 -8.25 5.34
CA LEU B 83 28.51 -7.42 4.17
C LEU B 83 29.53 -6.30 4.12
N ASP B 84 29.75 -5.81 2.91
CA ASP B 84 30.41 -4.53 2.68
C ASP B 84 29.34 -3.45 2.83
N MSE B 85 29.32 -2.79 3.99
CA MSE B 85 28.22 -1.91 4.37
C MSE B 85 28.30 -0.58 3.68
O MSE B 85 29.38 0.01 3.58
CB MSE B 85 28.21 -1.70 5.89
CG MSE B 85 27.91 -3.00 6.66
SE MSE B 85 26.03 -3.56 6.43
CE MSE B 85 25.15 -1.91 7.05
N TYR B 86 27.17 -0.11 3.18
CA TYR B 86 27.06 1.28 2.73
C TYR B 86 27.01 2.22 3.95
N PRO B 87 27.75 3.34 3.92
CA PRO B 87 27.73 4.31 5.03
C PRO B 87 26.44 5.16 5.04
N LEU B 88 25.29 4.50 4.96
CA LEU B 88 24.00 5.18 4.87
C LEU B 88 22.98 4.78 5.95
N GLU B 89 22.14 5.75 6.31
CA GLU B 89 20.84 5.45 6.85
C GLU B 89 19.85 5.88 5.78
N VAL B 90 18.99 4.94 5.39
CA VAL B 90 17.98 5.19 4.39
C VAL B 90 16.62 5.23 5.11
N VAL B 91 16.02 6.41 5.14
CA VAL B 91 14.76 6.61 5.85
C VAL B 91 13.58 6.70 4.90
N VAL B 92 12.56 5.88 5.17
CA VAL B 92 11.30 5.96 4.41
C VAL B 92 10.20 6.49 5.31
N ARG B 93 9.44 7.45 4.78
CA ARG B 93 8.45 8.19 5.57
C ARG B 93 7.09 8.18 4.86
N ASN B 94 6.07 7.78 5.60
CA ASN B 94 4.69 7.75 5.10
C ASN B 94 3.83 8.84 5.72
N VAL B 95 4.16 9.17 6.97
CA VAL B 95 3.38 10.12 7.76
C VAL B 95 4.42 11.09 8.36
N VAL B 96 4.10 12.37 8.35
CA VAL B 96 4.94 13.44 8.88
C VAL B 96 5.15 13.28 10.39
N ALA B 97 6.40 13.10 10.78
CA ALA B 97 6.80 13.04 12.19
C ALA B 97 8.27 13.42 12.30
N GLY B 98 8.70 13.70 13.53
CA GLY B 98 10.11 13.95 13.84
C GLY B 98 10.71 15.04 12.96
N SER B 99 11.84 14.71 12.35
CA SER B 99 12.65 15.72 11.66
C SER B 99 12.03 16.24 10.38
N LEU B 100 11.12 15.47 9.78
CA LEU B 100 10.41 15.94 8.59
C LEU B 100 9.61 17.23 8.85
N LYS B 101 9.17 17.44 10.10
CA LYS B 101 8.49 18.68 10.48
C LYS B 101 9.41 19.90 10.32
N LYS B 102 10.72 19.65 10.27
CA LYS B 102 11.68 20.73 10.05
C LYS B 102 11.92 21.03 8.57
N ARG B 103 11.38 20.17 7.69
CA ARG B 103 11.64 20.32 6.24
C ARG B 103 10.42 20.67 5.41
N LEU B 104 9.24 20.23 5.86
CA LEU B 104 7.99 20.52 5.18
C LEU B 104 7.05 21.28 6.11
N PRO B 105 6.27 22.22 5.55
CA PRO B 105 5.32 22.98 6.37
C PRO B 105 4.05 22.18 6.58
N LEU B 106 4.17 21.05 7.28
CA LEU B 106 3.07 20.11 7.42
C LEU B 106 3.00 19.61 8.86
N PRO B 107 1.78 19.43 9.38
CA PRO B 107 1.67 19.06 10.78
C PRO B 107 2.04 17.61 11.05
N GLU B 108 2.39 17.33 12.30
CA GLU B 108 2.57 15.96 12.74
C GLU B 108 1.30 15.18 12.46
N GLY B 109 1.46 13.97 11.95
CA GLY B 109 0.34 13.13 11.62
C GLY B 109 -0.12 13.24 10.18
N TYR B 110 0.33 14.26 9.46
CA TYR B 110 -0.07 14.43 8.05
C TYR B 110 0.32 13.23 7.19
N GLU B 111 -0.65 12.68 6.48
CA GLU B 111 -0.43 11.52 5.62
C GLU B 111 0.09 11.97 4.25
N LEU B 112 1.31 11.57 3.93
CA LEU B 112 1.95 11.96 2.67
C LEU B 112 1.26 11.28 1.48
N PRO B 113 1.15 12.01 0.34
CA PRO B 113 0.52 11.40 -0.84
C PRO B 113 1.32 10.18 -1.32
N GLU B 114 2.64 10.26 -1.23
CA GLU B 114 3.56 9.20 -1.64
C GLU B 114 4.62 9.09 -0.58
N PRO B 115 5.28 7.93 -0.46
CA PRO B 115 6.35 7.78 0.52
C PRO B 115 7.57 8.61 0.14
N ILE B 116 8.22 9.19 1.14
CA ILE B 116 9.43 9.99 0.94
C ILE B 116 10.64 9.12 1.31
N VAL B 117 11.68 9.13 0.47
CA VAL B 117 12.93 8.47 0.83
C VAL B 117 13.99 9.54 1.07
N GLU B 118 14.59 9.54 2.26
CA GLU B 118 15.73 10.41 2.60
C GLU B 118 16.99 9.56 2.86
N LEU B 119 18.13 10.10 2.42
CA LEU B 119 19.45 9.48 2.63
C LEU B 119 20.24 10.25 3.68
N TYR B 120 20.85 9.51 4.61
CA TYR B 120 21.65 10.12 5.64
C TYR B 120 23.03 9.52 5.60
N TYR B 121 24.06 10.35 5.77
CA TYR B 121 25.41 9.85 5.87
C TYR B 121 25.58 9.38 7.30
N LYS B 122 25.87 8.09 7.45
CA LYS B 122 25.98 7.45 8.76
C LYS B 122 27.32 7.80 9.34
N ASN B 123 27.33 8.76 10.27
CA ASN B 123 28.55 9.35 10.80
C ASN B 123 28.20 10.08 12.11
N ASP B 124 28.59 9.50 13.23
CA ASP B 124 28.29 10.05 14.58
C ASP B 124 28.82 11.44 14.80
N GLU B 125 30.07 11.67 14.38
CA GLU B 125 30.71 12.96 14.56
C GLU B 125 29.93 14.09 13.90
N LEU B 126 29.42 13.84 12.69
CA LEU B 126 28.63 14.83 11.97
C LEU B 126 27.12 14.73 12.29
N HIS B 127 26.79 13.89 13.26
CA HIS B 127 25.38 13.64 13.70
C HIS B 127 24.45 13.24 12.56
N ASP B 128 24.87 12.25 11.78
CA ASP B 128 24.05 11.67 10.69
C ASP B 128 23.38 12.71 9.79
N PRO B 129 24.17 13.50 9.05
CA PRO B 129 23.54 14.57 8.25
C PRO B 129 22.81 14.01 7.03
N MSE B 130 21.78 14.73 6.58
CA MSE B 130 21.09 14.41 5.34
C MSE B 130 21.96 14.69 4.17
O MSE B 130 22.66 15.72 4.13
CB MSE B 130 19.73 15.11 5.20
CG MSE B 130 18.74 14.22 4.44
SE MSE B 130 16.98 15.05 4.13
CE MSE B 130 17.59 16.44 2.85
N ILE B 131 21.99 13.77 3.21
CA ILE B 131 22.70 13.98 1.95
C ILE B 131 21.78 13.75 0.76
N ASN B 132 22.24 14.09 -0.44
CA ASN B 132 21.51 13.79 -1.67
C ASN B 132 22.37 12.90 -2.59
N TYR B 133 21.95 12.72 -3.84
CA TYR B 133 22.66 11.77 -4.72
C TYR B 133 24.10 12.23 -5.02
N TYR B 134 24.30 13.54 -5.09
CA TYR B 134 25.62 14.12 -5.37
C TYR B 134 26.58 13.84 -4.21
N HIS B 135 26.16 14.09 -2.98
CA HIS B 135 27.02 13.78 -1.83
C HIS B 135 27.35 12.31 -1.78
N ALA B 136 26.36 11.49 -2.15
CA ALA B 136 26.48 10.03 -2.11
C ALA B 136 27.58 9.53 -3.05
N LYS B 137 27.66 10.15 -4.23
CA LYS B 137 28.70 9.85 -5.19
C LYS B 137 30.08 10.13 -4.61
N VAL B 138 30.26 11.28 -3.96
CA VAL B 138 31.55 11.61 -3.34
C VAL B 138 31.91 10.56 -2.29
N LEU B 139 30.90 10.07 -1.57
CA LEU B 139 31.12 9.03 -0.59
C LEU B 139 31.34 7.67 -1.26
N GLY B 140 31.32 7.65 -2.59
CA GLY B 140 31.67 6.47 -3.36
C GLY B 140 30.51 5.55 -3.71
N ILE B 141 29.29 6.08 -3.68
CA ILE B 141 28.11 5.28 -4.02
C ILE B 141 27.55 5.77 -5.35
N SER B 142 27.54 4.87 -6.33
CA SER B 142 27.14 5.21 -7.68
C SER B 142 25.65 5.54 -7.70
N LEU B 143 25.24 6.31 -8.72
CA LEU B 143 23.82 6.64 -8.89
C LEU B 143 22.99 5.37 -9.09
N ASP B 144 23.55 4.40 -9.81
CA ASP B 144 22.89 3.12 -10.03
C ASP B 144 22.58 2.40 -8.71
N GLU B 145 23.57 2.33 -7.83
CA GLU B 145 23.40 1.75 -6.49
C GLU B 145 22.31 2.47 -5.68
N ILE B 146 22.35 3.80 -5.67
CA ILE B 146 21.37 4.60 -4.93
C ILE B 146 19.95 4.31 -5.44
N LYS B 147 19.82 4.24 -6.76
CA LYS B 147 18.55 3.89 -7.39
C LYS B 147 18.04 2.53 -6.92
N LYS B 148 18.92 1.52 -6.92
CA LYS B 148 18.54 0.20 -6.46
C LYS B 148 18.14 0.21 -4.98
N ILE B 149 18.96 0.84 -4.15
CA ILE B 149 18.69 1.00 -2.72
C ILE B 149 17.32 1.63 -2.48
N GLU B 150 17.03 2.73 -3.17
CA GLU B 150 15.74 3.39 -2.99
C GLU B 150 14.58 2.53 -3.48
N GLU B 151 14.78 1.83 -4.59
CA GLU B 151 13.78 0.87 -5.06
C GLU B 151 13.51 -0.23 -4.03
N ILE B 152 14.56 -0.82 -3.48
CA ILE B 152 14.38 -1.81 -2.41
C ILE B 152 13.67 -1.19 -1.21
N ALA B 153 14.14 -0.02 -0.78
CA ALA B 153 13.53 0.65 0.38
C ALA B 153 12.01 0.86 0.21
N LEU B 154 11.57 1.25 -0.98
CA LEU B 154 10.17 1.52 -1.22
C LEU B 154 9.33 0.23 -1.26
N LYS B 155 9.92 -0.84 -1.77
CA LYS B 155 9.32 -2.16 -1.76
C LYS B 155 9.15 -2.65 -0.31
N VAL B 156 10.24 -2.57 0.47
CA VAL B 156 10.19 -2.90 1.87
C VAL B 156 9.12 -2.06 2.59
N ASN B 157 9.10 -0.76 2.32
CA ASN B 157 8.09 0.12 2.89
C ASN B 157 6.68 -0.41 2.64
N GLU B 158 6.38 -0.77 1.38
CA GLU B 158 5.02 -1.19 1.04
C GLU B 158 4.59 -2.47 1.75
N ILE B 159 5.48 -3.47 1.77
CA ILE B 159 5.23 -4.70 2.49
C ILE B 159 4.99 -4.47 3.99
N LEU B 160 5.91 -3.78 4.66
CA LEU B 160 5.77 -3.56 6.08
C LEU B 160 4.52 -2.74 6.41
N LYS B 161 4.28 -1.65 5.67
CA LYS B 161 3.16 -0.75 5.91
C LYS B 161 1.81 -1.47 5.82
N ASP B 162 1.68 -2.29 4.77
CA ASP B 162 0.43 -3.02 4.53
C ASP B 162 0.21 -4.11 5.57
N TYR B 163 1.29 -4.82 5.90
CA TYR B 163 1.26 -5.88 6.91
C TYR B 163 0.83 -5.29 8.26
N LEU B 164 1.45 -4.19 8.64
CA LEU B 164 1.15 -3.55 9.93
C LEU B 164 -0.23 -2.92 9.99
N ALA B 165 -0.70 -2.39 8.85
CA ALA B 165 -1.96 -1.68 8.78
C ALA B 165 -3.12 -2.62 9.10
N LYS B 166 -2.99 -3.88 8.66
CA LYS B 166 -4.01 -4.90 8.90
C LYS B 166 -4.09 -5.25 10.39
N LYS B 167 -3.08 -4.82 11.14
CA LYS B 167 -3.03 -5.08 12.57
C LYS B 167 -3.26 -3.81 13.37
N GLY B 168 -3.79 -2.78 12.70
CA GLY B 168 -4.04 -1.51 13.38
C GLY B 168 -2.76 -0.77 13.79
N ILE B 169 -1.70 -0.93 13.00
CA ILE B 169 -0.42 -0.22 13.26
C ILE B 169 0.02 0.62 12.04
N ILE B 170 0.20 1.92 12.27
CA ILE B 170 0.65 2.82 11.21
C ILE B 170 2.18 2.83 11.18
N LEU B 171 2.73 2.41 10.05
CA LEU B 171 4.16 2.56 9.80
C LEU B 171 4.37 4.04 9.47
N VAL B 172 4.84 4.82 10.44
CA VAL B 172 4.96 6.26 10.26
C VAL B 172 6.22 6.59 9.44
N ASP B 173 7.34 6.06 9.88
CA ASP B 173 8.60 6.14 9.15
C ASP B 173 9.53 5.06 9.69
N PHE B 174 10.67 4.85 9.04
CA PHE B 174 11.64 3.88 9.51
C PHE B 174 12.99 4.03 8.83
N LYS B 175 14.02 3.52 9.51
CA LYS B 175 15.39 3.59 9.03
C LYS B 175 15.86 2.19 8.59
N LEU B 176 16.44 2.13 7.39
CA LEU B 176 17.05 0.93 6.86
C LEU B 176 18.54 1.12 6.65
N GLU B 177 19.30 0.03 6.76
CA GLU B 177 20.70 0.03 6.33
C GLU B 177 20.95 -1.14 5.38
N PHE B 178 21.97 -0.97 4.54
CA PHE B 178 22.19 -1.86 3.42
C PHE B 178 23.67 -2.14 3.33
N GLY B 179 24.00 -3.31 2.78
CA GLY B 179 25.35 -3.66 2.46
C GLY B 179 25.48 -4.41 1.14
N LYS B 180 26.71 -4.69 0.75
CA LYS B 180 26.98 -5.40 -0.48
C LYS B 180 27.54 -6.79 -0.13
N ASP B 181 26.97 -7.84 -0.73
CA ASP B 181 27.47 -9.20 -0.53
C ASP B 181 28.59 -9.56 -1.53
N LYS B 182 29.08 -10.80 -1.43
CA LYS B 182 30.15 -11.31 -2.31
C LYS B 182 29.82 -11.20 -3.80
N ASN B 183 28.57 -11.49 -4.15
CA ASN B 183 28.07 -11.39 -5.54
C ASN B 183 27.97 -9.96 -6.07
N GLY B 184 28.03 -8.98 -5.16
CA GLY B 184 27.81 -7.58 -5.52
C GLY B 184 26.34 -7.17 -5.45
N ASP B 185 25.50 -8.05 -4.92
CA ASP B 185 24.08 -7.75 -4.72
C ASP B 185 23.89 -6.88 -3.47
N ILE B 186 22.87 -6.01 -3.52
CA ILE B 186 22.57 -5.10 -2.43
C ILE B 186 21.65 -5.80 -1.43
N VAL B 187 22.10 -5.84 -0.17
CA VAL B 187 21.44 -6.64 0.86
C VAL B 187 20.99 -5.78 2.05
N LEU B 188 19.74 -5.98 2.46
CA LEU B 188 19.19 -5.30 3.62
C LEU B 188 19.79 -5.81 4.93
N ALA B 189 20.24 -4.89 5.78
CA ALA B 189 21.01 -5.25 6.96
C ALA B 189 20.46 -4.63 8.24
N ASP B 190 21.35 -4.36 9.22
CA ASP B 190 21.02 -3.82 10.54
C ASP B 190 19.81 -4.56 11.15
N GLU B 191 18.82 -3.81 11.67
CA GLU B 191 17.64 -4.39 12.33
C GLU B 191 16.39 -3.74 11.82
N ILE B 192 15.24 -4.34 12.16
CA ILE B 192 13.92 -3.73 11.91
C ILE B 192 13.06 -3.96 13.16
N SER B 193 12.98 -2.93 13.98
CA SER B 193 12.32 -3.07 15.28
C SER B 193 11.76 -1.71 15.73
N PRO B 194 10.95 -1.69 16.81
CA PRO B 194 10.46 -0.44 17.38
C PRO B 194 11.58 0.54 17.77
N ASP B 195 12.83 0.07 17.82
CA ASP B 195 13.98 0.98 17.96
C ASP B 195 14.23 1.84 16.72
N THR B 196 13.90 1.30 15.55
CA THR B 196 14.30 1.89 14.26
C THR B 196 13.13 2.28 13.34
N CYS B 197 11.91 2.13 13.85
CA CYS B 197 10.70 2.47 13.11
C CYS B 197 9.86 3.38 13.99
N ARG B 198 8.99 4.17 13.36
CA ARG B 198 7.89 4.79 14.09
C ARG B 198 6.61 4.03 13.80
N PHE B 199 6.01 3.49 14.86
CA PHE B 199 4.76 2.73 14.78
C PHE B 199 3.76 3.52 15.63
N TRP B 200 2.60 3.86 15.05
CA TRP B 200 1.49 4.40 15.83
C TRP B 200 0.31 3.49 15.83
N ASP B 201 -0.37 3.39 16.97
CA ASP B 201 -1.68 2.77 17.00
C ASP B 201 -2.63 3.52 16.07
N ALA B 202 -3.34 2.78 15.22
CA ALA B 202 -4.22 3.36 14.21
C ALA B 202 -5.34 4.21 14.81
N LYS B 203 -5.91 3.74 15.91
CA LYS B 203 -7.05 4.42 16.53
C LYS B 203 -6.61 5.61 17.38
N THR B 204 -5.64 5.39 18.26
CA THR B 204 -5.25 6.43 19.21
C THR B 204 -4.04 7.26 18.77
N LYS B 205 -3.28 6.79 17.79
CA LYS B 205 -2.09 7.51 17.29
C LYS B 205 -0.95 7.51 18.30
N ARG B 206 -1.06 6.70 19.34
CA ARG B 206 0.02 6.67 20.34
C ARG B 206 1.25 5.93 19.81
N SER B 207 2.41 6.33 20.29
CA SER B 207 3.64 5.70 19.88
C SER B 207 3.82 4.31 20.48
N LEU B 208 4.25 3.38 19.64
CA LEU B 208 4.53 2.02 20.05
C LEU B 208 5.97 1.69 19.63
N ASP B 209 6.91 2.52 20.06
CA ASP B 209 8.27 2.49 19.54
C ASP B 209 9.21 3.28 20.48
N LYS B 210 10.43 3.53 20.02
CA LYS B 210 11.44 4.17 20.86
C LYS B 210 11.11 5.62 21.27
N ASP B 211 10.21 6.29 20.55
CA ASP B 211 9.75 7.63 20.91
C ASP B 211 9.18 7.67 22.35
N VAL B 212 8.55 6.58 22.76
CA VAL B 212 8.05 6.41 24.13
C VAL B 212 9.18 6.64 25.14
N PHE B 213 10.37 6.11 24.86
CA PHE B 213 11.57 6.34 25.66
C PHE B 213 12.19 7.73 25.42
N ARG B 214 12.36 8.07 24.15
CA ARG B 214 12.95 9.36 23.78
C ARG B 214 12.29 10.55 24.47
N PHE B 215 10.96 10.50 24.62
CA PHE B 215 10.20 11.64 25.09
C PHE B 215 9.32 11.33 26.30
N ASP B 216 9.65 10.24 26.99
CA ASP B 216 8.89 9.74 28.15
C ASP B 216 7.36 9.85 27.96
N LYS B 217 6.85 9.19 26.93
CA LYS B 217 5.43 9.29 26.65
C LYS B 217 4.70 8.09 27.26
N GLY B 218 5.45 7.24 27.95
CA GLY B 218 4.86 6.07 28.60
C GLY B 218 5.83 4.96 28.92
N ASP B 219 5.33 3.73 28.85
CA ASP B 219 6.10 2.53 29.23
C ASP B 219 6.63 1.84 27.96
N LEU B 220 7.95 1.84 27.79
CA LEU B 220 8.58 1.29 26.59
C LEU B 220 8.25 -0.20 26.45
N ILE B 221 8.54 -0.98 27.48
CA ILE B 221 8.41 -2.43 27.38
C ILE B 221 6.95 -2.83 27.09
N GLU B 222 6.03 -2.02 27.63
CA GLU B 222 4.61 -2.17 27.37
C GLU B 222 4.23 -1.90 25.89
N ALA B 223 4.81 -0.85 25.32
CA ALA B 223 4.60 -0.50 23.91
C ALA B 223 5.17 -1.55 22.97
N TYR B 224 6.39 -2.01 23.26
CA TYR B 224 7.06 -3.01 22.43
C TYR B 224 6.36 -4.38 22.51
N LYS B 225 5.89 -4.76 23.70
CA LYS B 225 5.13 -6.01 23.87
C LYS B 225 3.85 -5.92 23.05
N GLU B 226 3.24 -4.74 23.05
CA GLU B 226 2.04 -4.49 22.28
C GLU B 226 2.24 -4.80 20.80
N ILE B 227 3.30 -4.28 20.21
CA ILE B 227 3.64 -4.59 18.80
C ILE B 227 3.78 -6.11 18.57
N TYR B 228 4.55 -6.76 19.44
CA TYR B 228 4.79 -8.20 19.36
C TYR B 228 3.49 -9.00 19.44
N GLU B 229 2.68 -8.69 20.45
CA GLU B 229 1.42 -9.35 20.66
C GLU B 229 0.50 -9.21 19.44
N ARG B 230 0.44 -8.00 18.88
CA ARG B 230 -0.45 -7.75 17.74
C ARG B 230 -0.01 -8.52 16.51
N ILE B 231 1.30 -8.70 16.36
CA ILE B 231 1.86 -9.36 15.20
C ILE B 231 1.76 -10.88 15.31
N THR B 232 2.08 -11.42 16.48
CA THR B 232 2.16 -12.87 16.66
C THR B 232 0.88 -13.45 17.24
N GLY B 233 0.12 -12.61 17.95
CA GLY B 233 -1.05 -13.04 18.69
C GLY B 233 -0.70 -13.63 20.04
N GLU B 234 0.59 -13.74 20.32
CA GLU B 234 1.08 -14.31 21.58
C GLU B 234 1.66 -13.25 22.51
N LYS B 235 1.39 -13.40 23.81
CA LYS B 235 2.03 -12.58 24.84
C LYS B 235 3.50 -13.02 24.92
N PRO B 236 4.43 -12.05 25.08
CA PRO B 236 5.87 -12.29 24.93
C PRO B 236 6.47 -13.30 25.91
N GLU B 237 7.22 -14.25 25.36
CA GLU B 237 7.86 -15.35 26.11
C GLU B 237 9.11 -14.93 26.90
N PHE B 238 10.23 -14.76 26.20
CA PHE B 238 11.55 -14.37 26.78
C PHE B 238 12.43 -15.56 27.14
CD CD C . 0.00 -0.68 -0.05
CD CD D . -3.36 7.39 1.70
CD CD E . -18.40 -3.67 -22.08
CD CD E . -17.78 -3.69 -20.95
CD CD F . -20.40 -9.69 -24.55
CD CD F . -19.87 -11.22 -23.93
CD CD G . -20.77 -0.67 -29.86
CD CD H . -20.86 -5.83 9.10
CD CD I . -14.57 -6.42 -19.28
CD CD I . -15.58 -6.54 -19.62
P 5GP J . -13.09 -10.60 -15.23
O1P 5GP J . -12.40 -11.55 -14.28
O2P 5GP J . -14.52 -11.03 -15.51
O3P 5GP J . -12.26 -10.24 -16.44
O5' 5GP J . -13.26 -9.14 -14.52
C5' 5GP J . -12.21 -8.44 -13.82
C4' 5GP J . -12.72 -7.29 -12.93
O4' 5GP J . -13.13 -6.16 -13.71
C3' 5GP J . -13.94 -7.61 -12.07
O3' 5GP J . -13.89 -6.82 -10.87
C2' 5GP J . -15.13 -7.15 -12.90
O2' 5GP J . -16.25 -6.81 -12.08
C1' 5GP J . -14.54 -5.94 -13.61
N9 5GP J . -15.14 -5.81 -14.96
C8 5GP J . -14.58 -6.20 -16.12
N7 5GP J . -15.39 -5.93 -17.17
C5 5GP J . -16.51 -5.38 -16.68
C6 5GP J . -17.78 -4.84 -17.24
O6 5GP J . -17.98 -4.88 -18.47
N1 5GP J . -18.69 -4.33 -16.38
C2 5GP J . -18.48 -4.28 -15.06
N2 5GP J . -19.48 -3.74 -14.28
N3 5GP J . -17.34 -4.75 -14.47
C4 5GP J . -16.34 -5.29 -15.22
P PO4 K . -20.92 -8.10 -16.35
O1 PO4 K . -22.03 -7.57 -17.24
O2 PO4 K . -19.64 -8.24 -17.14
O3 PO4 K . -20.71 -7.18 -15.18
O4 PO4 K . -21.32 -9.47 -15.85
C1 BU1 L . 4.33 0.41 -30.11
C2 BU1 L . 3.84 0.04 -28.71
C3 BU1 L . 4.16 -1.42 -28.41
C4 BU1 L . 5.54 -1.56 -27.76
O5 BU1 L . 3.47 -0.26 -31.02
O6 BU1 L . 5.36 -2.27 -26.53
CD CD M . 2.29 -10.00 1.16
CD CD N . 23.57 6.84 13.53
CD CD O . 24.37 13.22 17.42
CD CD P . 23.94 -12.87 0.25
CD CD Q . 36.59 14.56 12.32
CD CD R . -2.87 -5.53 23.25
CD CD R . -3.83 -4.25 22.80
CD CD S . 19.77 9.01 12.09
P 5GP T . 14.02 11.32 12.15
O1P 5GP T . 14.71 11.79 10.88
O2P 5GP T . 12.60 11.77 12.23
O3P 5GP T . 14.85 11.56 13.39
O5' 5GP T . 13.99 9.70 12.04
C5' 5GP T . 13.26 9.00 11.02
C4' 5GP T . 12.96 7.54 11.38
O4' 5GP T . 14.12 6.71 11.23
C3' 5GP T . 12.49 7.32 12.82
O3' 5GP T . 11.63 6.18 12.87
C2' 5GP T . 13.77 7.01 13.55
O2' 5GP T . 13.61 6.21 14.74
C1' 5GP T . 14.55 6.23 12.51
N9 5GP T . 15.97 6.48 12.75
C8 5GP T . 16.74 7.31 12.01
N7 5GP T . 18.00 7.33 12.49
C5 5GP T . 18.06 6.53 13.57
C6 5GP T . 19.10 6.13 14.54
O6 5GP T . 20.27 6.55 14.42
N1 5GP T . 18.75 5.27 15.51
C2 5GP T . 17.50 4.77 15.63
N2 5GP T . 17.22 3.91 16.65
N3 5GP T . 16.50 5.12 14.77
C4 5GP T . 16.72 5.97 13.74
P PO4 U . 18.44 7.74 18.58
O1 PO4 U . 17.78 6.38 18.42
O2 PO4 U . 18.70 8.29 17.19
O3 PO4 U . 17.53 8.65 19.36
O4 PO4 U . 19.76 7.61 19.33
C1 BU1 V . 25.41 12.28 -9.47
C2 BU1 V . 24.35 13.12 -10.18
C3 BU1 V . 23.13 13.28 -9.28
C4 BU1 V . 21.89 13.56 -10.11
O5 BU1 V . 26.23 13.14 -8.68
O6 BU1 V . 20.75 13.24 -9.30
#